data_3Q2X
# 
_entry.id   3Q2X 
# 
_audit_conform.dict_name       mmcif_pdbx.dic 
_audit_conform.dict_version    5.387 
_audit_conform.dict_location   http://mmcif.pdb.org/dictionaries/ascii/mmcif_pdbx.dic 
# 
loop_
_database_2.database_id 
_database_2.database_code 
_database_2.pdbx_database_accession 
_database_2.pdbx_DOI 
PDB   3Q2X         pdb_00003q2x 10.2210/pdb3q2x/pdb 
RCSB  RCSB063126   ?            ?                   
WWPDB D_1000063126 ?            ?                   
# 
loop_
_pdbx_audit_revision_history.ordinal 
_pdbx_audit_revision_history.data_content_type 
_pdbx_audit_revision_history.major_revision 
_pdbx_audit_revision_history.minor_revision 
_pdbx_audit_revision_history.revision_date 
1 'Structure model' 1 0 2011-10-12 
2 'Structure model' 1 1 2011-11-30 
3 'Structure model' 1 2 2017-09-13 
4 'Structure model' 1 3 2024-02-21 
# 
_pdbx_audit_revision_details.ordinal             1 
_pdbx_audit_revision_details.revision_ordinal    1 
_pdbx_audit_revision_details.data_content_type   'Structure model' 
_pdbx_audit_revision_details.provider            repository 
_pdbx_audit_revision_details.type                'Initial release' 
_pdbx_audit_revision_details.description         ? 
_pdbx_audit_revision_details.details             ? 
# 
loop_
_pdbx_audit_revision_group.ordinal 
_pdbx_audit_revision_group.revision_ordinal 
_pdbx_audit_revision_group.data_content_type 
_pdbx_audit_revision_group.group 
1 2 'Structure model' 'Database references' 
2 3 'Structure model' 'Database references' 
3 3 'Structure model' 'Source and taxonomy' 
4 3 'Structure model' 'Structure summary'   
5 4 'Structure model' 'Data collection'     
6 4 'Structure model' 'Database references' 
# 
loop_
_pdbx_audit_revision_category.ordinal 
_pdbx_audit_revision_category.revision_ordinal 
_pdbx_audit_revision_category.data_content_type 
_pdbx_audit_revision_category.category 
1 3 'Structure model' entity              
2 3 'Structure model' entity_name_com     
3 3 'Structure model' pdbx_entity_src_syn 
4 3 'Structure model' struct_ref          
5 3 'Structure model' struct_ref_seq      
6 4 'Structure model' chem_comp_atom      
7 4 'Structure model' chem_comp_bond      
8 4 'Structure model' database_2          
# 
loop_
_pdbx_audit_revision_item.ordinal 
_pdbx_audit_revision_item.revision_ordinal 
_pdbx_audit_revision_item.data_content_type 
_pdbx_audit_revision_item.item 
1  3 'Structure model' '_entity.pdbx_description'                  
2  3 'Structure model' '_entity.pdbx_fragment'                     
3  3 'Structure model' '_pdbx_entity_src_syn.ncbi_taxonomy_id'     
4  3 'Structure model' '_pdbx_entity_src_syn.organism_common_name' 
5  3 'Structure model' '_pdbx_entity_src_syn.organism_scientific'  
6  3 'Structure model' '_pdbx_entity_src_syn.pdbx_beg_seq_num'     
7  3 'Structure model' '_pdbx_entity_src_syn.pdbx_end_seq_num'     
8  3 'Structure model' '_struct_ref.db_code'                       
9  3 'Structure model' '_struct_ref.db_name'                       
10 3 'Structure model' '_struct_ref.pdbx_align_begin'              
11 3 'Structure model' '_struct_ref.pdbx_db_accession'             
12 3 'Structure model' '_struct_ref_seq.db_align_beg'              
13 3 'Structure model' '_struct_ref_seq.db_align_end'              
14 3 'Structure model' '_struct_ref_seq.pdbx_db_accession'         
15 4 'Structure model' '_database_2.pdbx_DOI'                      
16 4 'Structure model' '_database_2.pdbx_database_accession'       
# 
_pdbx_database_status.entry_id                        3Q2X 
_pdbx_database_status.status_code                     REL 
_pdbx_database_status.deposit_site                    RCSB 
_pdbx_database_status.process_site                    RCSB 
_pdbx_database_status.recvd_initial_deposition_date   2010-12-20 
_pdbx_database_status.status_code_sf                  REL 
_pdbx_database_status.status_code_mr                  ? 
_pdbx_database_status.SG_entry                        ? 
_pdbx_database_status.status_code_cs                  ? 
_pdbx_database_status.pdb_format_compatible           Y 
_pdbx_database_status.methods_development_category    ? 
_pdbx_database_status.status_code_nmr_data            ? 
# 
loop_
_audit_author.name 
_audit_author.pdbx_ordinal 
'Soriaga, A.B.' 1 
'Sawaya, M.R.'  2 
'Eisenberg, D.' 3 
# 
_citation.id                        primary 
_citation.title                     'Molecular basis for amyloid-beta polymorphism.' 
_citation.journal_abbrev            Proc.Natl.Acad.Sci.USA 
_citation.journal_volume            108 
_citation.page_first                16938 
_citation.page_last                 16943 
_citation.year                      2011 
_citation.journal_id_ASTM           PNASA6 
_citation.country                   US 
_citation.journal_id_ISSN           0027-8424 
_citation.journal_id_CSD            0040 
_citation.book_publisher            ? 
_citation.pdbx_database_id_PubMed   21949245 
_citation.pdbx_database_id_DOI      10.1073/pnas.1112600108 
# 
loop_
_citation_author.citation_id 
_citation_author.name 
_citation_author.ordinal 
_citation_author.identifier_ORCID 
primary 'Colletier, J.P.' 1  ? 
primary 'Laganowsky, A.'  2  ? 
primary 'Landau, M.'      3  ? 
primary 'Zhao, M.'        4  ? 
primary 'Soriaga, A.B.'   5  ? 
primary 'Goldschmidt, L.' 6  ? 
primary 'Flot, D.'        7  ? 
primary 'Cascio, D.'      8  ? 
primary 'Sawaya, M.R.'    9  ? 
primary 'Eisenberg, D.'   10 ? 
# 
loop_
_entity.id 
_entity.type 
_entity.src_method 
_entity.pdbx_description 
_entity.formula_weight 
_entity.pdbx_number_of_molecules 
_entity.pdbx_ec 
_entity.pdbx_mutation 
_entity.pdbx_fragment 
_entity.details 
1 polymer syn 'Amyloid beta A4 protein' 615.743 1 ? ? 'NKGAII hexapeptide segment (UNP residues 698-703)' ? 
2 water   nat water                     18.015  2 ? ? ?                                                   ? 
# 
_entity_name_com.entity_id   1 
_entity_name_com.name        
;ABPP,APPI,APP,Alzheimer disease amyloid protein,Amyloid precursor protein,Beta-amyloid precursor protein,Cerebral vascular amyloid peptide,CVAP,PreA4,Protease nexin-II,PN-II
;
# 
_entity_poly.entity_id                      1 
_entity_poly.type                           'polypeptide(L)' 
_entity_poly.nstd_linkage                   no 
_entity_poly.nstd_monomer                   no 
_entity_poly.pdbx_seq_one_letter_code       NKGAII 
_entity_poly.pdbx_seq_one_letter_code_can   NKGAII 
_entity_poly.pdbx_strand_id                 A 
_entity_poly.pdbx_target_identifier         ? 
# 
_pdbx_entity_nonpoly.entity_id   2 
_pdbx_entity_nonpoly.name        water 
_pdbx_entity_nonpoly.comp_id     HOH 
# 
loop_
_entity_poly_seq.entity_id 
_entity_poly_seq.num 
_entity_poly_seq.mon_id 
_entity_poly_seq.hetero 
1 1 ASN n 
1 2 LYS n 
1 3 GLY n 
1 4 ALA n 
1 5 ILE n 
1 6 ILE n 
# 
_pdbx_entity_src_syn.entity_id              1 
_pdbx_entity_src_syn.pdbx_src_id            1 
_pdbx_entity_src_syn.pdbx_alt_source_flag   sample 
_pdbx_entity_src_syn.pdbx_beg_seq_num       1 
_pdbx_entity_src_syn.pdbx_end_seq_num       6 
_pdbx_entity_src_syn.organism_scientific    'Homo sapiens' 
_pdbx_entity_src_syn.organism_common_name   Human 
_pdbx_entity_src_syn.ncbi_taxonomy_id       9606 
_pdbx_entity_src_syn.details                'NKGAII (residues 27-32) from human Amyloid beta, synthesized' 
# 
loop_
_chem_comp.id 
_chem_comp.type 
_chem_comp.mon_nstd_flag 
_chem_comp.name 
_chem_comp.pdbx_synonyms 
_chem_comp.formula 
_chem_comp.formula_weight 
ALA 'L-peptide linking' y ALANINE    ? 'C3 H7 N O2'     89.093  
ASN 'L-peptide linking' y ASPARAGINE ? 'C4 H8 N2 O3'    132.118 
GLY 'peptide linking'   y GLYCINE    ? 'C2 H5 N O2'     75.067  
HOH non-polymer         . WATER      ? 'H2 O'           18.015  
ILE 'L-peptide linking' y ISOLEUCINE ? 'C6 H13 N O2'    131.173 
LYS 'L-peptide linking' y LYSINE     ? 'C6 H15 N2 O2 1' 147.195 
# 
loop_
_pdbx_poly_seq_scheme.asym_id 
_pdbx_poly_seq_scheme.entity_id 
_pdbx_poly_seq_scheme.seq_id 
_pdbx_poly_seq_scheme.mon_id 
_pdbx_poly_seq_scheme.ndb_seq_num 
_pdbx_poly_seq_scheme.pdb_seq_num 
_pdbx_poly_seq_scheme.auth_seq_num 
_pdbx_poly_seq_scheme.pdb_mon_id 
_pdbx_poly_seq_scheme.auth_mon_id 
_pdbx_poly_seq_scheme.pdb_strand_id 
_pdbx_poly_seq_scheme.pdb_ins_code 
_pdbx_poly_seq_scheme.hetero 
A 1 1 ASN 1 1 1 ASN ASN A . n 
A 1 2 LYS 2 2 2 LYS LYS A . n 
A 1 3 GLY 3 3 3 GLY GLY A . n 
A 1 4 ALA 4 4 4 ALA ALA A . n 
A 1 5 ILE 5 5 5 ILE ILE A . n 
A 1 6 ILE 6 6 6 ILE ILE A . n 
# 
loop_
_pdbx_nonpoly_scheme.asym_id 
_pdbx_nonpoly_scheme.entity_id 
_pdbx_nonpoly_scheme.mon_id 
_pdbx_nonpoly_scheme.ndb_seq_num 
_pdbx_nonpoly_scheme.pdb_seq_num 
_pdbx_nonpoly_scheme.auth_seq_num 
_pdbx_nonpoly_scheme.pdb_mon_id 
_pdbx_nonpoly_scheme.auth_mon_id 
_pdbx_nonpoly_scheme.pdb_strand_id 
_pdbx_nonpoly_scheme.pdb_ins_code 
B 2 HOH 1 7 1 HOH HOH A . 
B 2 HOH 2 8 2 HOH HOH A . 
# 
loop_
_software.pdbx_ordinal 
_software.name 
_software.version 
_software.date 
_software.type 
_software.contact_author 
_software.contact_author_email 
_software.classification 
_software.location 
_software.language 
_software.citation_id 
1 DENZO       .         ?               program 'Zbyszek Otwinowski' hkl@hkl-xray.com            'data reduction'  
http://www.hkl-xray.com/                    ?   ? 
2 SCALEPACK   .         ?               program 'Zbyszek Otwinowski' hkl@hkl-xray.com            'data scaling'    
http://www.hkl-xray.com/                    ?   ? 
3 PHASER      .         ?               program 'Randy J. Read'      cimr-phaser@lists.cam.ac.uk phasing           
http://www-structmed.cimr.cam.ac.uk/phaser/ ?   ? 
4 PHENIX      1.6.1_357 ?               package 'Paul D. Adams'      PDAdams@lbl.gov             refinement        
http://www.phenix-online.org/               C++ ? 
5 PDB_EXTRACT 3.10      'June 10, 2010' package PDB                  deposit@deposit.rcsb.org    'data extraction' 
http://sw-tools.pdb.org/apps/PDB_EXTRACT/   C++ ? 
# 
_cell.length_a           15.074 
_cell.length_b           4.838 
_cell.length_c           24.016 
_cell.angle_alpha        90.000 
_cell.angle_beta         95.560 
_cell.angle_gamma        90.000 
_cell.entry_id           3Q2X 
_cell.pdbx_unique_axis   ? 
_cell.Z_PDB              2 
_cell.length_a_esd       ? 
_cell.length_b_esd       ? 
_cell.length_c_esd       ? 
_cell.angle_alpha_esd    ? 
_cell.angle_beta_esd     ? 
_cell.angle_gamma_esd    ? 
# 
_symmetry.space_group_name_H-M             'P 1 21 1' 
_symmetry.entry_id                         3Q2X 
_symmetry.Int_Tables_number                4 
_symmetry.pdbx_full_space_group_name_H-M   ? 
_symmetry.cell_setting                     ? 
_symmetry.space_group_name_Hall            ? 
# 
_exptl.crystals_number   1 
_exptl.entry_id          3Q2X 
_exptl.method            'X-RAY DIFFRACTION' 
# 
_exptl_crystal.id                    1 
_exptl_crystal.density_Matthews      1.42 
_exptl_crystal.density_meas          ? 
_exptl_crystal.density_percent_sol   13.11 
_exptl_crystal.description           ? 
_exptl_crystal.F_000                 ? 
_exptl_crystal.preparation           ? 
# 
_exptl_crystal_grow.crystal_id      1 
_exptl_crystal_grow.method          'VAPOR DIFFUSION, HANGING DROP' 
_exptl_crystal_grow.pH              ? 
_exptl_crystal_grow.temp            291 
_exptl_crystal_grow.pdbx_details    
'reservoir contained 2.4M Sodium Malonate, 15% v/v Glycerol, vapor diffusion, hanging drop, temperature 291K' 
_exptl_crystal_grow.temp_details    ? 
_exptl_crystal_grow.pdbx_pH_range   ? 
# 
_diffrn.id                     1 
_diffrn.ambient_temp           100 
_diffrn.ambient_temp_details   ? 
_diffrn.crystal_id             1 
# 
_diffrn_detector.diffrn_id              1 
_diffrn_detector.detector               CCD 
_diffrn_detector.type                   'ADSC QUANTUM 315' 
_diffrn_detector.pdbx_collection_date   2010-04-26 
_diffrn_detector.details                ? 
# 
_diffrn_radiation.diffrn_id                        1 
_diffrn_radiation.pdbx_diffrn_protocol             'SINGLE WAVELENGTH' 
_diffrn_radiation.monochromator                    ? 
_diffrn_radiation.wavelength_id                    1 
_diffrn_radiation.pdbx_monochromatic_or_laue_m_l   M 
_diffrn_radiation.pdbx_scattering_type             x-ray 
# 
_diffrn_radiation_wavelength.id           1 
_diffrn_radiation_wavelength.wavelength   0.9792 
_diffrn_radiation_wavelength.wt           1.0 
# 
_diffrn_source.diffrn_id                   1 
_diffrn_source.source                      SYNCHROTRON 
_diffrn_source.type                        'APS BEAMLINE 24-ID-E' 
_diffrn_source.pdbx_wavelength_list        0.9792 
_diffrn_source.pdbx_wavelength             ? 
_diffrn_source.pdbx_synchrotron_site       APS 
_diffrn_source.pdbx_synchrotron_beamline   24-ID-E 
# 
_reflns.entry_id                     3Q2X 
_reflns.d_resolution_high            1.450 
_reflns.d_resolution_low             100.000 
_reflns.number_obs                   671 
_reflns.pdbx_Rmerge_I_obs            0.122 
_reflns.pdbx_netI_over_sigmaI        11.300 
_reflns.pdbx_chi_squared             1.070 
_reflns.pdbx_redundancy              3.100 
_reflns.percent_possible_obs         90.900 
_reflns.observed_criterion_sigma_F   ? 
_reflns.observed_criterion_sigma_I   ? 
_reflns.number_all                   671 
_reflns.pdbx_Rsym_value              ? 
_reflns.B_iso_Wilson_estimate        ? 
_reflns.R_free_details               ? 
_reflns.limit_h_max                  ? 
_reflns.limit_h_min                  ? 
_reflns.limit_k_max                  ? 
_reflns.limit_k_min                  ? 
_reflns.limit_l_max                  ? 
_reflns.limit_l_min                  ? 
_reflns.observed_criterion_F_max     ? 
_reflns.observed_criterion_F_min     ? 
_reflns.pdbx_scaling_rejects         ? 
_reflns.pdbx_ordinal                 1 
_reflns.pdbx_diffrn_id               1 
# 
loop_
_reflns_shell.d_res_high 
_reflns_shell.d_res_low 
_reflns_shell.number_measured_obs 
_reflns_shell.number_measured_all 
_reflns_shell.number_unique_obs 
_reflns_shell.Rmerge_I_obs 
_reflns_shell.meanI_over_sigI_obs 
_reflns_shell.pdbx_Rsym_value 
_reflns_shell.pdbx_chi_squared 
_reflns_shell.pdbx_redundancy 
_reflns_shell.percent_possible_obs 
_reflns_shell.number_unique_all 
_reflns_shell.percent_possible_all 
_reflns_shell.pdbx_ordinal 
_reflns_shell.pdbx_diffrn_id 
1.450 1.500   ? ? ? 0.322 ? ? 1.129 3.200 ? 70 94.600 1  1 
1.500 1.560   ? ? ? 0.224 ? ? 1.003 2.900 ? 61 84.700 2  1 
1.560 1.630   ? ? ? 0.169 ? ? 1.091 3.100 ? 55 75.300 3  1 
1.630 1.720   ? ? ? 0.169 ? ? 1.006 3.000 ? 63 98.400 4  1 
1.720 1.830   ? ? ? 0.135 ? ? 1.033 3.000 ? 63 96.900 5  1 
1.830 1.970   ? ? ? 0.152 ? ? 1.099 3.500 ? 68 91.900 6  1 
1.970 2.170   ? ? ? 0.137 ? ? 1.063 3.700 ? 75 98.700 7  1 
2.170 2.480   ? ? ? 0.108 ? ? 1.070 3.200 ? 73 90.100 8  1 
2.480 3.120   ? ? ? 0.127 ? ? 1.110 3.000 ? 66 94.300 9  1 
3.120 100.000 ? ? ? 0.063 ? ? 1.073 2.900 ? 77 86.500 10 1 
# 
_refine.entry_id                                 3Q2X 
_refine.ls_d_res_high                            1.4510 
_refine.ls_d_res_low                             23.9030 
_refine.pdbx_ls_sigma_F                          0.310 
_refine.pdbx_data_cutoff_high_absF               ? 
_refine.pdbx_data_cutoff_low_absF                ? 
_refine.ls_percent_reflns_obs                    88.7700 
_refine.ls_number_reflns_obs                     656 
_refine.ls_number_reflns_all                     656 
_refine.pdbx_ls_cross_valid_method               ? 
_refine.pdbx_R_Free_selection_details            RANDOM 
_refine.details                                  ? 
_refine.ls_R_factor_all                          ? 
_refine.ls_R_factor_obs                          0.2095 
_refine.ls_R_factor_R_work                       0.2041 
_refine.ls_wR_factor_R_work                      ? 
_refine.ls_R_factor_R_free                       0.2589 
_refine.ls_wR_factor_R_free                      ? 
_refine.ls_percent_reflns_R_free                 10.8200 
_refine.ls_number_reflns_R_free                  71 
_refine.ls_R_factor_R_free_error                 ? 
_refine.B_iso_mean                               4.9282 
_refine.solvent_model_param_bsol                 80.0010 
_refine.solvent_model_param_ksol                 0.6000 
_refine.pdbx_isotropic_thermal_model             ? 
_refine.aniso_B[1][1]                            -3.4410 
_refine.aniso_B[2][2]                            -3.6220 
_refine.aniso_B[3][3]                            2.0179 
_refine.aniso_B[1][2]                            -0.0000 
_refine.aniso_B[1][3]                            -0.7136 
_refine.aniso_B[2][3]                            0.0000 
_refine.correlation_coeff_Fo_to_Fc               ? 
_refine.correlation_coeff_Fo_to_Fc_free          ? 
_refine.overall_SU_R_Cruickshank_DPI             ? 
_refine.overall_SU_R_free                        ? 
_refine.pdbx_overall_ESU_R_Free                  ? 
_refine.overall_SU_ML                            0.1800 
_refine.overall_SU_B                             ? 
_refine.solvent_model_details                    'FLAT BULK SOLVENT MODEL' 
_refine.pdbx_solvent_vdw_probe_radii             1.1100 
_refine.pdbx_solvent_ion_probe_radii             ? 
_refine.pdbx_solvent_shrinkage_radii             0.9000 
_refine.ls_number_parameters                     ? 
_refine.ls_number_restraints                     ? 
_refine.pdbx_starting_model                      ? 
_refine.pdbx_method_to_determine_struct          'MOLECULAR REPLACEMENT' 
_refine.pdbx_stereochemistry_target_values       ML 
_refine.pdbx_stereochem_target_val_spec_case     ? 
_refine.overall_FOM_work_R_set                   0.8252 
_refine.B_iso_max                                13.080 
_refine.B_iso_min                                0.630 
_refine.occupancy_max                            1.000 
_refine.occupancy_min                            0.890 
_refine.pdbx_ls_sigma_I                          ? 
_refine.ls_redundancy_reflns_obs                 ? 
_refine.ls_R_factor_R_free_error_details         ? 
_refine.pdbx_data_cutoff_high_rms_absF           ? 
_refine.overall_FOM_free_R_set                   ? 
_refine.pdbx_overall_phase_error                 ? 
_refine.pdbx_refine_id                           'X-RAY DIFFRACTION' 
_refine.pdbx_overall_ESU_R                       ? 
_refine.pdbx_diffrn_id                           1 
_refine.pdbx_TLS_residual_ADP_flag               ? 
_refine.pdbx_overall_SU_R_free_Cruickshank_DPI   ? 
_refine.pdbx_overall_SU_R_Blow_DPI               ? 
_refine.pdbx_overall_SU_R_free_Blow_DPI          ? 
# 
_refine_hist.pdbx_refine_id                   'X-RAY DIFFRACTION' 
_refine_hist.cycle_id                         LAST 
_refine_hist.pdbx_number_atoms_protein        43 
_refine_hist.pdbx_number_atoms_nucleic_acid   0 
_refine_hist.pdbx_number_atoms_ligand         0 
_refine_hist.number_atoms_solvent             2 
_refine_hist.number_atoms_total               45 
_refine_hist.d_res_high                       1.4510 
_refine_hist.d_res_low                        23.9030 
# 
loop_
_refine_ls_restr.type 
_refine_ls_restr.number 
_refine_ls_restr.dev_ideal 
_refine_ls_restr.dev_ideal_target 
_refine_ls_restr.weight 
_refine_ls_restr.pdbx_refine_id 
_refine_ls_restr.pdbx_restraint_function 
f_bond_d           42 0.011 ? ? 'X-RAY DIFFRACTION' ? 
f_angle_d          55 1.869 ? ? 'X-RAY DIFFRACTION' ? 
f_chiral_restr     7  0.093 ? ? 'X-RAY DIFFRACTION' ? 
f_plane_restr      7  0.005 ? ? 'X-RAY DIFFRACTION' ? 
f_dihedral_angle_d 16 7.450 ? ? 'X-RAY DIFFRACTION' ? 
# 
_refine_ls_shell.d_res_high                       1.4506 
_refine_ls_shell.d_res_low                        ? 
_refine_ls_shell.pdbx_total_number_of_bins_used   1 
_refine_ls_shell.percent_reflns_obs               89.0000 
_refine_ls_shell.number_reflns_R_work             585 
_refine_ls_shell.R_factor_all                     ? 
_refine_ls_shell.R_factor_R_work                  0.2041 
_refine_ls_shell.R_factor_R_free                  0.2589 
_refine_ls_shell.percent_reflns_R_free            ? 
_refine_ls_shell.number_reflns_R_free             71 
_refine_ls_shell.R_factor_R_free_error            ? 
_refine_ls_shell.number_reflns_all                656 
_refine_ls_shell.number_reflns_obs                ? 
_refine_ls_shell.redundancy_reflns_obs            ? 
_refine_ls_shell.pdbx_refine_id                   'X-RAY DIFFRACTION' 
# 
_struct.entry_id                  3Q2X 
_struct.title                     'Structure of an amyloid forming peptide NKGAII (residues 27-32) from amyloid beta' 
_struct.pdbx_model_details        ? 
_struct.pdbx_CASP_flag            ? 
_struct.pdbx_model_type_details   ? 
# 
_struct_keywords.entry_id        3Q2X 
_struct_keywords.text            'amyloid protofibril, PROTEIN FIBRIL' 
_struct_keywords.pdbx_keywords   'PROTEIN FIBRIL' 
# 
loop_
_struct_asym.id 
_struct_asym.pdbx_blank_PDB_chainid_flag 
_struct_asym.pdbx_modified 
_struct_asym.entity_id 
_struct_asym.details 
A N N 1 ? 
B N N 2 ? 
# 
_struct_ref.id                         1 
_struct_ref.db_name                    UNP 
_struct_ref.db_code                    A4_HUMAN 
_struct_ref.pdbx_db_accession          P05067 
_struct_ref.pdbx_db_isoform            ? 
_struct_ref.entity_id                  1 
_struct_ref.pdbx_seq_one_letter_code   NKGAII 
_struct_ref.pdbx_align_begin           698 
# 
_struct_ref_seq.align_id                      1 
_struct_ref_seq.ref_id                        1 
_struct_ref_seq.pdbx_PDB_id_code              3Q2X 
_struct_ref_seq.pdbx_strand_id                A 
_struct_ref_seq.seq_align_beg                 1 
_struct_ref_seq.pdbx_seq_align_beg_ins_code   ? 
_struct_ref_seq.seq_align_end                 6 
_struct_ref_seq.pdbx_seq_align_end_ins_code   ? 
_struct_ref_seq.pdbx_db_accession             P05067 
_struct_ref_seq.db_align_beg                  698 
_struct_ref_seq.pdbx_db_align_beg_ins_code    ? 
_struct_ref_seq.db_align_end                  703 
_struct_ref_seq.pdbx_db_align_end_ins_code    ? 
_struct_ref_seq.pdbx_auth_seq_align_beg       1 
_struct_ref_seq.pdbx_auth_seq_align_end       6 
# 
_pdbx_struct_assembly.id                   1 
_pdbx_struct_assembly.details              author_defined_assembly 
_pdbx_struct_assembly.method_details       ? 
_pdbx_struct_assembly.oligomeric_details   hexameric 
_pdbx_struct_assembly.oligomeric_count     6 
# 
_pdbx_struct_assembly_gen.assembly_id       1 
_pdbx_struct_assembly_gen.oper_expression   1,2,3,4,5,6 
_pdbx_struct_assembly_gen.asym_id_list      A,B 
# 
loop_
_pdbx_struct_oper_list.id 
_pdbx_struct_oper_list.type 
_pdbx_struct_oper_list.name 
_pdbx_struct_oper_list.symmetry_operation 
_pdbx_struct_oper_list.matrix[1][1] 
_pdbx_struct_oper_list.matrix[1][2] 
_pdbx_struct_oper_list.matrix[1][3] 
_pdbx_struct_oper_list.vector[1] 
_pdbx_struct_oper_list.matrix[2][1] 
_pdbx_struct_oper_list.matrix[2][2] 
_pdbx_struct_oper_list.matrix[2][3] 
_pdbx_struct_oper_list.vector[2] 
_pdbx_struct_oper_list.matrix[3][1] 
_pdbx_struct_oper_list.matrix[3][2] 
_pdbx_struct_oper_list.matrix[3][3] 
_pdbx_struct_oper_list.vector[3] 
1 'identity operation'         1_555 x,y,z       1.0000000000 0.0000000000  0.0000000000 0.0000000000  0.0000000000  1.0000000000  0.0000000000  0.0000000000  0.0000000000 0.0000000000  1.0000000000  0.0000000000 
2 'crystal symmetry operation' 1_565 x,y+1,z     1.0000000000 0.0000000000  0.0000000000 4.5448099264  0.0000000000  1.0000000000  0.0000000000  -0.9431697286 0.0000000000 0.0000000000  1.0000000000  1.3643231275 
3 'crystal symmetry operation' 1_575 x,y+2,z     1.0000000000 0.0000000000  0.0000000000 9.0896198527  0.0000000000  1.0000000000  0.0000000000  -1.8863394573 0.0000000000 0.0000000000  1.0000000000  2.7286462550 
4 'crystal symmetry operation' 2_555 -x,y+1/2,-z 0.7649390707 -0.3662721063 0.5298235200 5.2881216123  -0.3662721063 -0.9239887325 -0.1099525643 20.5963169577 0.5298235200 -0.1099525643 -0.8409503382 5.2007013130 
5 'crystal symmetry operation' 2_565 -x,y+3/2,-z 0.7649390707 -0.3662721063 0.5298235200 9.8329315386  -0.3662721063 -0.9239887325 -0.1099525643 19.6531472291 0.5298235200 -0.1099525643 -0.8409503382 6.5650244405 
6 'crystal symmetry operation' 2_575 -x,y+5/2,-z 0.7649390707 -0.3662721063 0.5298235200 14.3777414650 -0.3662721063 -0.9239887325 -0.1099525643 18.7099775004 0.5298235200 -0.1099525643 -0.8409503382 7.9293475680 
# 
_struct_biol.id        1 
_struct_biol.details   
;The biological unit is a pair of beta sheets with the side chains interdigitating between the sheets. One sheet is constructed from unit cell translations along the b direction (i.e. X,Y+1,Z; X,Y+2,Z; X,Y+3,Z, etc.). The other sheet is constructed from symmetry operators -X+1,Y+1/2,-Z+1; -X+1,Y+3/2,-Z+1; -X+1,Y+5/2,-Z+1, etc.
;
# 
_pdbx_phasing_MR.entry_id                     3Q2X 
_pdbx_phasing_MR.method_rotation              ? 
_pdbx_phasing_MR.method_translation           ? 
_pdbx_phasing_MR.model_details                ? 
_pdbx_phasing_MR.R_factor                     ? 
_pdbx_phasing_MR.R_rigid_body                 ? 
_pdbx_phasing_MR.correlation_coeff_Fo_to_Fc   ? 
_pdbx_phasing_MR.correlation_coeff_Io_to_Ic   ? 
_pdbx_phasing_MR.d_res_high_rotation          ? 
_pdbx_phasing_MR.d_res_low_rotation           ? 
_pdbx_phasing_MR.d_res_high_translation       ? 
_pdbx_phasing_MR.d_res_low_translation        ? 
_pdbx_phasing_MR.packing                      0.000 
_pdbx_phasing_MR.reflns_percent_rotation      ? 
_pdbx_phasing_MR.reflns_percent_translation   ? 
_pdbx_phasing_MR.sigma_F_rotation             ? 
_pdbx_phasing_MR.sigma_F_translation          ? 
_pdbx_phasing_MR.sigma_I_rotation             ? 
_pdbx_phasing_MR.sigma_I_translation          ? 
# 
_phasing.method   MR 
# 
loop_
_chem_comp_atom.comp_id 
_chem_comp_atom.atom_id 
_chem_comp_atom.type_symbol 
_chem_comp_atom.pdbx_aromatic_flag 
_chem_comp_atom.pdbx_stereo_config 
_chem_comp_atom.pdbx_ordinal 
ALA N    N N N 1  
ALA CA   C N S 2  
ALA C    C N N 3  
ALA O    O N N 4  
ALA CB   C N N 5  
ALA OXT  O N N 6  
ALA H    H N N 7  
ALA H2   H N N 8  
ALA HA   H N N 9  
ALA HB1  H N N 10 
ALA HB2  H N N 11 
ALA HB3  H N N 12 
ALA HXT  H N N 13 
ASN N    N N N 14 
ASN CA   C N S 15 
ASN C    C N N 16 
ASN O    O N N 17 
ASN CB   C N N 18 
ASN CG   C N N 19 
ASN OD1  O N N 20 
ASN ND2  N N N 21 
ASN OXT  O N N 22 
ASN H    H N N 23 
ASN H2   H N N 24 
ASN HA   H N N 25 
ASN HB2  H N N 26 
ASN HB3  H N N 27 
ASN HD21 H N N 28 
ASN HD22 H N N 29 
ASN HXT  H N N 30 
GLY N    N N N 31 
GLY CA   C N N 32 
GLY C    C N N 33 
GLY O    O N N 34 
GLY OXT  O N N 35 
GLY H    H N N 36 
GLY H2   H N N 37 
GLY HA2  H N N 38 
GLY HA3  H N N 39 
GLY HXT  H N N 40 
HOH O    O N N 41 
HOH H1   H N N 42 
HOH H2   H N N 43 
ILE N    N N N 44 
ILE CA   C N S 45 
ILE C    C N N 46 
ILE O    O N N 47 
ILE CB   C N S 48 
ILE CG1  C N N 49 
ILE CG2  C N N 50 
ILE CD1  C N N 51 
ILE OXT  O N N 52 
ILE H    H N N 53 
ILE H2   H N N 54 
ILE HA   H N N 55 
ILE HB   H N N 56 
ILE HG12 H N N 57 
ILE HG13 H N N 58 
ILE HG21 H N N 59 
ILE HG22 H N N 60 
ILE HG23 H N N 61 
ILE HD11 H N N 62 
ILE HD12 H N N 63 
ILE HD13 H N N 64 
ILE HXT  H N N 65 
LYS N    N N N 66 
LYS CA   C N S 67 
LYS C    C N N 68 
LYS O    O N N 69 
LYS CB   C N N 70 
LYS CG   C N N 71 
LYS CD   C N N 72 
LYS CE   C N N 73 
LYS NZ   N N N 74 
LYS OXT  O N N 75 
LYS H    H N N 76 
LYS H2   H N N 77 
LYS HA   H N N 78 
LYS HB2  H N N 79 
LYS HB3  H N N 80 
LYS HG2  H N N 81 
LYS HG3  H N N 82 
LYS HD2  H N N 83 
LYS HD3  H N N 84 
LYS HE2  H N N 85 
LYS HE3  H N N 86 
LYS HZ1  H N N 87 
LYS HZ2  H N N 88 
LYS HZ3  H N N 89 
LYS HXT  H N N 90 
# 
loop_
_chem_comp_bond.comp_id 
_chem_comp_bond.atom_id_1 
_chem_comp_bond.atom_id_2 
_chem_comp_bond.value_order 
_chem_comp_bond.pdbx_aromatic_flag 
_chem_comp_bond.pdbx_stereo_config 
_chem_comp_bond.pdbx_ordinal 
ALA N   CA   sing N N 1  
ALA N   H    sing N N 2  
ALA N   H2   sing N N 3  
ALA CA  C    sing N N 4  
ALA CA  CB   sing N N 5  
ALA CA  HA   sing N N 6  
ALA C   O    doub N N 7  
ALA C   OXT  sing N N 8  
ALA CB  HB1  sing N N 9  
ALA CB  HB2  sing N N 10 
ALA CB  HB3  sing N N 11 
ALA OXT HXT  sing N N 12 
ASN N   CA   sing N N 13 
ASN N   H    sing N N 14 
ASN N   H2   sing N N 15 
ASN CA  C    sing N N 16 
ASN CA  CB   sing N N 17 
ASN CA  HA   sing N N 18 
ASN C   O    doub N N 19 
ASN C   OXT  sing N N 20 
ASN CB  CG   sing N N 21 
ASN CB  HB2  sing N N 22 
ASN CB  HB3  sing N N 23 
ASN CG  OD1  doub N N 24 
ASN CG  ND2  sing N N 25 
ASN ND2 HD21 sing N N 26 
ASN ND2 HD22 sing N N 27 
ASN OXT HXT  sing N N 28 
GLY N   CA   sing N N 29 
GLY N   H    sing N N 30 
GLY N   H2   sing N N 31 
GLY CA  C    sing N N 32 
GLY CA  HA2  sing N N 33 
GLY CA  HA3  sing N N 34 
GLY C   O    doub N N 35 
GLY C   OXT  sing N N 36 
GLY OXT HXT  sing N N 37 
HOH O   H1   sing N N 38 
HOH O   H2   sing N N 39 
ILE N   CA   sing N N 40 
ILE N   H    sing N N 41 
ILE N   H2   sing N N 42 
ILE CA  C    sing N N 43 
ILE CA  CB   sing N N 44 
ILE CA  HA   sing N N 45 
ILE C   O    doub N N 46 
ILE C   OXT  sing N N 47 
ILE CB  CG1  sing N N 48 
ILE CB  CG2  sing N N 49 
ILE CB  HB   sing N N 50 
ILE CG1 CD1  sing N N 51 
ILE CG1 HG12 sing N N 52 
ILE CG1 HG13 sing N N 53 
ILE CG2 HG21 sing N N 54 
ILE CG2 HG22 sing N N 55 
ILE CG2 HG23 sing N N 56 
ILE CD1 HD11 sing N N 57 
ILE CD1 HD12 sing N N 58 
ILE CD1 HD13 sing N N 59 
ILE OXT HXT  sing N N 60 
LYS N   CA   sing N N 61 
LYS N   H    sing N N 62 
LYS N   H2   sing N N 63 
LYS CA  C    sing N N 64 
LYS CA  CB   sing N N 65 
LYS CA  HA   sing N N 66 
LYS C   O    doub N N 67 
LYS C   OXT  sing N N 68 
LYS CB  CG   sing N N 69 
LYS CB  HB2  sing N N 70 
LYS CB  HB3  sing N N 71 
LYS CG  CD   sing N N 72 
LYS CG  HG2  sing N N 73 
LYS CG  HG3  sing N N 74 
LYS CD  CE   sing N N 75 
LYS CD  HD2  sing N N 76 
LYS CD  HD3  sing N N 77 
LYS CE  NZ   sing N N 78 
LYS CE  HE2  sing N N 79 
LYS CE  HE3  sing N N 80 
LYS NZ  HZ1  sing N N 81 
LYS NZ  HZ2  sing N N 82 
LYS NZ  HZ3  sing N N 83 
LYS OXT HXT  sing N N 84 
# 
_atom_sites.entry_id                    3Q2X 
_atom_sites.fract_transf_matrix[1][1]   0.01539710 
_atom_sites.fract_transf_matrix[1][2]   -0.01651877 
_atom_sites.fract_transf_matrix[1][3]   -0.06271016 
_atom_sites.fract_transf_matrix[2][1]   0.19417085 
_atom_sites.fract_transf_matrix[2][2]   -0.04029565 
_atom_sites.fract_transf_matrix[2][3]   0.05828886 
_atom_sites.fract_transf_matrix[3][1]   -0.00961182 
_atom_sites.fract_transf_matrix[3][2]   -0.04051808 
_atom_sites.fract_transf_matrix[3][3]   0.00400818 
_atom_sites.fract_transf_vector[1]      0.292470 
_atom_sites.fract_transf_vector[2]      0.168906 
_atom_sites.fract_transf_vector[3]      0.432253 
# 
loop_
_atom_type.symbol 
C 
N 
O 
# 
loop_
_atom_site.group_PDB 
_atom_site.id 
_atom_site.type_symbol 
_atom_site.label_atom_id 
_atom_site.label_alt_id 
_atom_site.label_comp_id 
_atom_site.label_asym_id 
_atom_site.label_entity_id 
_atom_site.label_seq_id 
_atom_site.pdbx_PDB_ins_code 
_atom_site.Cartn_x 
_atom_site.Cartn_y 
_atom_site.Cartn_z 
_atom_site.occupancy 
_atom_site.B_iso_or_equiv 
_atom_site.pdbx_formal_charge 
_atom_site.auth_seq_id 
_atom_site.auth_comp_id 
_atom_site.auth_asym_id 
_atom_site.auth_atom_id 
_atom_site.pdbx_PDB_model_num 
ATOM   1  N N   . ASN A 1 1 ? 3.480  7.947  -4.018 1.00 5.38  ? 1 ASN A N   1 
ATOM   2  C CA  . ASN A 1 1 ? 2.478  6.890  -3.981 1.00 4.83  ? 1 ASN A CA  1 
ATOM   3  C C   . ASN A 1 1 ? 2.630  6.073  -2.705 1.00 3.85  ? 1 ASN A C   1 
ATOM   4  O O   . ASN A 1 1 ? 3.746  5.846  -2.241 1.00 3.39  ? 1 ASN A O   1 
ATOM   5  C CB  . ASN A 1 1 ? 2.594  5.975  -5.212 1.00 4.93  ? 1 ASN A CB  1 
ATOM   6  C CG  . ASN A 1 1 ? 2.093  6.638  -6.474 1.00 7.21  ? 1 ASN A CG  1 
ATOM   7  O OD1 . ASN A 1 1 ? 1.400  7.652  -6.410 1.00 9.33  ? 1 ASN A OD1 1 
ATOM   8  N ND2 . ASN A 1 1 ? 2.433  6.068  -7.633 1.00 8.54  ? 1 ASN A ND2 1 
ATOM   9  N N   . LYS A 1 2 ? 1.504  5.658  -2.131 1.00 1.08  ? 2 LYS A N   1 
ATOM   10 C CA  . LYS A 1 2 ? 1.522  4.804  -0.953 1.00 1.33  ? 2 LYS A CA  1 
ATOM   11 C C   . LYS A 1 2 ? 0.602  3.644  -1.192 1.00 1.85  ? 2 LYS A C   1 
ATOM   12 O O   . LYS A 1 2 ? -0.523 3.808  -1.700 1.00 1.34  ? 2 LYS A O   1 
ATOM   13 C CB  . LYS A 1 2 ? 1.003  5.526  0.291  1.00 3.19  ? 2 LYS A CB  1 
ATOM   14 C CG  . LYS A 1 2 ? 1.760  6.736  0.744  1.00 5.85  ? 2 LYS A CG  1 
ATOM   15 C CD  . LYS A 1 2 ? 1.088  7.217  2.053  1.00 7.51  ? 2 LYS A CD  1 
ATOM   16 C CE  . LYS A 1 2 ? 1.563  8.549  2.553  1.00 8.57  ? 2 LYS A CE  1 
ATOM   17 N NZ  . LYS A 1 2 ? 0.901  8.803  3.876  1.00 9.57  ? 2 LYS A NZ  1 
ATOM   18 N N   . GLY A 1 3 ? 1.048  2.472  -0.778 1.00 1.62  ? 3 GLY A N   1 
ATOM   19 C CA  . GLY A 1 3 ? 0.229  1.296  -0.957 1.00 2.74  ? 3 GLY A CA  1 
ATOM   20 C C   . GLY A 1 3 ? 0.447  0.342  0.186  1.00 1.81  ? 3 GLY A C   1 
ATOM   21 O O   . GLY A 1 3 ? 1.567  0.156  0.668  1.00 1.35  ? 3 GLY A O   1 
ATOM   22 N N   . ALA A 1 4 ? -0.639 -0.261 0.628  1.00 1.14  ? 4 ALA A N   1 
ATOM   23 C CA  . ALA A 1 4 ? -0.546 -1.320 1.598  1.00 1.05  ? 4 ALA A CA  1 
ATOM   24 C C   . ALA A 1 4 ? -1.321 -2.477 1.031  1.00 0.63  ? 4 ALA A C   1 
ATOM   25 O O   . ALA A 1 4 ? -2.463 -2.313 0.614  1.00 0.91  ? 4 ALA A O   1 
ATOM   26 C CB  . ALA A 1 4 ? -1.141 -0.867 2.927  1.00 2.59  ? 4 ALA A CB  1 
ATOM   27 N N   . ILE A 1 5 ? -0.669 -3.636 0.968  1.00 1.13  ? 5 ILE A N   1 
ATOM   28 C CA  . ILE A 1 5 ? -1.320 -4.874 0.593  1.00 2.42  ? 5 ILE A CA  1 
ATOM   29 C C   . ILE A 1 5 ? -1.213 -5.763 1.827  1.00 3.46  ? 5 ILE A C   1 
ATOM   30 O O   . ILE A 1 5 ? -0.109 -6.114 2.256  1.00 4.86  ? 5 ILE A O   1 
ATOM   31 C CB  . ILE A 1 5 ? -0.639 -5.549 -0.624 1.00 2.27  ? 5 ILE A CB  1 
ATOM   32 C CG1 . ILE A 1 5 ? -0.735 -4.662 -1.872 1.00 3.67  ? 5 ILE A CG1 1 
ATOM   33 C CG2 . ILE A 1 5 ? -1.322 -6.860 -0.929 1.00 3.11  ? 5 ILE A CG2 1 
ATOM   34 C CD1 . ILE A 1 5 ? 0.178  -3.440 -1.877 1.00 4.90  ? 5 ILE A CD1 1 
ATOM   35 N N   . ILE A 1 6 ? -2.353 -6.092 2.421  0.89 2.28  ? 6 ILE A N   1 
ATOM   36 C CA  . ILE A 1 6 ? -2.363 -6.795 3.699  0.89 4.89  ? 6 ILE A CA  1 
ATOM   37 C C   . ILE A 1 6 ? -3.263 -8.009 3.612  0.89 6.89  ? 6 ILE A C   1 
ATOM   38 O O   . ILE A 1 6 ? -4.146 -8.059 2.756  0.89 8.11  ? 6 ILE A O   1 
ATOM   39 C CB  . ILE A 1 6 ? -2.897 -5.881 4.835  0.89 8.73  ? 6 ILE A CB  1 
ATOM   40 C CG1 . ILE A 1 6 ? -2.067 -4.612 4.958  0.89 9.44  ? 6 ILE A CG1 1 
ATOM   41 C CG2 . ILE A 1 6 ? -2.911 -6.616 6.154  0.89 11.07 ? 6 ILE A CG2 1 
ATOM   42 C CD1 . ILE A 1 6 ? -2.585 -3.691 6.053  0.89 10.69 ? 6 ILE A CD1 1 
ATOM   43 O OXT . ILE A 1 6 ? -3.135 -8.951 4.392  0.89 9.51  ? 6 ILE A OXT 1 
HETATM 44 O O   . HOH B 2 . ? 4.365  9.060  -6.488 1.00 9.67  ? 7 HOH A O   1 
HETATM 45 O O   . HOH B 2 . ? 2.862  9.322  -1.621 1.00 13.08 ? 8 HOH A O   1 
# 
loop_
_atom_site_anisotrop.id 
_atom_site_anisotrop.type_symbol 
_atom_site_anisotrop.pdbx_label_atom_id 
_atom_site_anisotrop.pdbx_label_alt_id 
_atom_site_anisotrop.pdbx_label_comp_id 
_atom_site_anisotrop.pdbx_label_asym_id 
_atom_site_anisotrop.pdbx_label_seq_id 
_atom_site_anisotrop.pdbx_PDB_ins_code 
_atom_site_anisotrop.U[1][1] 
_atom_site_anisotrop.U[2][2] 
_atom_site_anisotrop.U[3][3] 
_atom_site_anisotrop.U[1][2] 
_atom_site_anisotrop.U[1][3] 
_atom_site_anisotrop.U[2][3] 
_atom_site_anisotrop.pdbx_auth_seq_id 
_atom_site_anisotrop.pdbx_auth_comp_id 
_atom_site_anisotrop.pdbx_auth_asym_id 
_atom_site_anisotrop.pdbx_auth_atom_id 
1  N N   . ASN A 1 ? 0.1383 0.0408 0.0251 -0.0337 0.0058  0.0271  1 ASN A N   
2  C CA  . ASN A 1 ? 0.1350 0.0329 0.0155 -0.0317 -0.0070 0.0213  1 ASN A CA  
3  C C   . ASN A 1 ? 0.1081 0.0153 0.0229 -0.0176 -0.0006 0.0037  1 ASN A C   
4  O O   . ASN A 1 ? 0.1043 0.0117 0.0127 -0.0170 -0.0272 0.0042  1 ASN A O   
5  C CB  . ASN A 1 ? 0.1100 0.0476 0.0296 -0.0279 -0.0105 0.0311  1 ASN A CB  
6  C CG  . ASN A 1 ? 0.1581 0.0513 0.0647 -0.0134 0.0410  0.0258  1 ASN A CG  
7  O OD1 . ASN A 1 ? 0.2198 0.0581 0.0765 -0.0159 0.0572  0.0406  1 ASN A OD1 
8  N ND2 . ASN A 1 ? 0.1815 0.0529 0.0901 -0.0115 0.0687  0.0162  1 ASN A ND2 
9  N N   . LYS A 2 ? 0.0144 0.0148 0.0119 -0.0129 -0.0002 -0.0060 2 LYS A N   
10 C CA  . LYS A 2 ? 0.0268 0.0136 0.0099 -0.0071 -0.0141 -0.0010 2 LYS A CA  
11 C C   . LYS A 2 ? 0.0430 0.0141 0.0133 -0.0043 -0.0025 0.0137  2 LYS A C   
12 O O   . LYS A 2 ? 0.0028 0.0256 0.0225 -0.0085 -0.0080 0.0240  2 LYS A O   
13 C CB  . LYS A 2 ? 0.0802 0.0279 0.0131 -0.0115 -0.0165 -0.0136 2 LYS A CB  
14 C CG  . LYS A 2 ? 0.1636 0.0358 0.0231 -0.0130 -0.0048 -0.0278 2 LYS A CG  
15 C CD  . LYS A 2 ? 0.2092 0.0438 0.0325 -0.0079 0.0055  -0.0375 2 LYS A CD  
16 C CE  . LYS A 2 ? 0.2385 0.0496 0.0376 0.0044  0.0100  -0.0365 2 LYS A CE  
17 N NZ  . LYS A 2 ? 0.2620 0.0553 0.0464 0.0039  0.0198  -0.0430 2 LYS A NZ  
18 N N   . GLY A 3 ? 0.0301 0.0134 0.0178 -0.0120 -0.0053 0.0142  3 GLY A N   
19 C CA  . GLY A 3 ? 0.0702 0.0224 0.0115 -0.0369 -0.0044 0.0080  3 GLY A CA  
20 C C   . GLY A 3 ? 0.0490 0.0195 0.0006 -0.0308 0.0049  -0.0031 3 GLY A C   
21 O O   . GLY A 3 ? 0.0285 0.0179 0.0048 -0.0214 -0.0112 0.0076  3 GLY A O   
22 N N   . ALA A 4 ? 0.0248 0.0126 0.0060 -0.0177 0.0121  -0.0087 4 ALA A N   
23 C CA  . ALA A 4 ? 0.0267 0.0069 0.0065 -0.0121 0.0128  -0.0052 4 ALA A CA  
24 C C   . ALA A 4 ? 0.0132 0.0054 0.0055 -0.0037 0.0052  0.0023  4 ALA A C   
25 O O   . ALA A 4 ? 0.0151 0.0092 0.0104 -0.0118 -0.0125 0.0098  4 ALA A O   
26 C CB  . ALA A 4 ? 0.0844 0.0137 0.0002 -0.0308 0.0031  -0.0007 4 ALA A CB  
27 N N   . ILE A 5 ? 0.0160 0.0118 0.0150 -0.0012 -0.0042 0.0131  5 ILE A N   
28 C CA  . ILE A 5 ? 0.0695 0.0066 0.0159 -0.0051 -0.0269 0.0078  5 ILE A CA  
29 C C   . ILE A 5 ? 0.0785 0.0143 0.0389 -0.0066 -0.0439 0.0177  5 ILE A C   
30 O O   . ILE A 5 ? 0.0836 0.0245 0.0766 -0.0147 -0.0474 0.0413  5 ILE A O   
31 C CB  . ILE A 5 ? 0.0687 0.0008 0.0167 -0.0012 -0.0145 0.0036  5 ILE A CB  
32 C CG1 . ILE A 5 ? 0.1105 0.0033 0.0258 -0.0182 0.0034  -0.0035 5 ILE A CG1 
33 C CG2 . ILE A 5 ? 0.0835 0.0002 0.0347 -0.0039 0.0142  -0.0005 5 ILE A CG2 
34 C CD1 . ILE A 5 ? 0.1462 0.0084 0.0317 -0.0321 0.0227  -0.0111 5 ILE A CD1 
35 N N   . ILE A 6 ? 0.0585 0.0089 0.0194 0.0167  -0.0084 0.0063  6 ILE A N   
36 C CA  . ILE A 6 ? 0.1355 0.0180 0.0321 0.0083  -0.0107 0.0000  6 ILE A CA  
37 C C   . ILE A 6 ? 0.1681 0.0180 0.0757 0.0188  0.0192  0.0176  6 ILE A C   
38 O O   . ILE A 6 ? 0.1843 0.0258 0.0982 -0.0139 0.0155  0.0139  6 ILE A O   
39 C CB  . ILE A 6 ? 0.2670 0.0378 0.0271 -0.0167 -0.0048 -0.0126 6 ILE A CB  
40 C CG1 . ILE A 6 ? 0.2960 0.0487 0.0139 -0.0268 -0.0294 -0.0164 6 ILE A CG1 
41 C CG2 . ILE A 6 ? 0.3195 0.0551 0.0461 -0.0385 0.0297  -0.0232 6 ILE A CG2 
42 C CD1 . ILE A 6 ? 0.3214 0.0534 0.0314 -0.0199 -0.0343 -0.0081 6 ILE A CD1 
43 O OXT . ILE A 6 ? 0.2168 0.0334 0.1113 0.0071  0.0612  0.0206  6 ILE A OXT 
44 O O   . HOH B . ? 0.1424 0.0280 0.1971 0.0103  -0.0461 -0.0040 7 HOH A O   
# 
